data_2XN4
#
_entry.id   2XN4
#
_cell.length_a   45.994
_cell.length_b   46.005
_cell.length_c   71.762
_cell.angle_alpha   86.68
_cell.angle_beta   82.75
_cell.angle_gamma   68.48
#
_symmetry.space_group_name_H-M   'P 1'
#
loop_
_entity.id
_entity.type
_entity.pdbx_description
1 polymer 'KELCH-LIKE PROTEIN 2'
2 non-polymer 'SODIUM ION'
3 non-polymer 'SULFATE ION'
4 non-polymer 1,2-ETHANEDIOL
5 water water
#
_entity_poly.entity_id   1
_entity_poly.type   'polypeptide(L)'
_entity_poly.pdbx_seq_one_letter_code
;SMSVRTRLRTPMNLPKLMVVVGGQAPKAIRSVECYDFKEERWHQVAELPSRRCRAGMVYMAGLVFAVGGFNGSLRVRTVD
SYDPVKDQWTSVANMRDRRSTLGAAVLNGLLYAVGGFDGSTGLSSVEAYNIKSNEWFHVAPMNTRRSSVGVGVVGGLLYA
VGGYDVASRQCLSTVECYNATTNEWTYIAEMSTRRSGAGVGVLNNLLYAVGGHDGPLVRKSVEVYDPTTNAWRQVADMNM
CRRNAGVCAVNGLLYVVGGDDGSCNLASVEYYNPTTDKWTVVSSCMSTGRSYAGVTVIDKRL
;
_entity_poly.pdbx_strand_id   A,B
#
# COMPACT_ATOMS: atom_id res chain seq x y z
N PRO A 15 -34.14 9.76 -12.15
CA PRO A 15 -33.64 8.39 -12.22
C PRO A 15 -32.13 8.37 -12.48
N LYS A 16 -31.39 7.90 -11.48
CA LYS A 16 -29.95 8.02 -11.45
C LYS A 16 -29.27 6.64 -11.51
N LEU A 17 -28.03 6.65 -12.02
CA LEU A 17 -27.16 5.48 -12.03
C LEU A 17 -25.89 5.96 -11.33
N MET A 18 -25.42 5.17 -10.39
CA MET A 18 -24.16 5.47 -9.76
C MET A 18 -23.10 4.77 -10.56
N VAL A 19 -22.10 5.49 -11.03
CA VAL A 19 -21.06 4.95 -11.91
C VAL A 19 -19.74 4.84 -11.13
N VAL A 20 -19.07 3.68 -11.25
CA VAL A 20 -17.87 3.36 -10.48
C VAL A 20 -16.83 2.97 -11.46
N VAL A 21 -15.74 3.71 -11.47
CA VAL A 21 -14.83 3.70 -12.55
C VAL A 21 -13.43 3.31 -12.12
N GLY A 22 -12.95 2.22 -12.71
CA GLY A 22 -11.59 1.73 -12.54
C GLY A 22 -11.25 1.48 -11.08
N GLY A 23 -10.04 1.84 -10.68
CA GLY A 23 -9.57 1.62 -9.32
C GLY A 23 -8.53 0.54 -9.21
N GLN A 24 -8.20 0.17 -7.96
CA GLN A 24 -7.27 -0.90 -7.71
C GLN A 24 -7.95 -2.02 -6.92
N ALA A 25 -7.64 -3.25 -7.36
CA ALA A 25 -8.39 -4.43 -6.88
C ALA A 25 -7.65 -5.56 -6.12
N PRO A 26 -6.31 -5.48 -5.90
CA PRO A 26 -5.38 -4.35 -5.89
C PRO A 26 -4.68 -4.02 -7.20
N LYS A 27 -4.88 -4.81 -8.26
CA LYS A 27 -4.32 -4.47 -9.56
C LYS A 27 -5.07 -3.25 -10.09
N ALA A 28 -4.39 -2.37 -10.81
CA ALA A 28 -5.08 -1.26 -11.48
C ALA A 28 -5.97 -1.85 -12.58
N ILE A 29 -7.27 -1.49 -12.61
CA ILE A 29 -8.25 -2.11 -13.53
C ILE A 29 -8.96 -1.13 -14.51
N ARG A 30 -9.63 -1.69 -15.51
CA ARG A 30 -10.30 -0.87 -16.52
C ARG A 30 -11.83 -0.82 -16.37
N SER A 31 -12.35 -1.77 -15.61
CA SER A 31 -13.78 -1.97 -15.48
C SER A 31 -14.57 -0.78 -14.93
N VAL A 32 -15.71 -0.53 -15.55
CA VAL A 32 -16.63 0.48 -15.07
C VAL A 32 -17.97 -0.21 -14.86
N GLU A 33 -18.51 -0.04 -13.65
CA GLU A 33 -19.82 -0.63 -13.28
C GLU A 33 -20.74 0.48 -12.85
N CYS A 34 -22.02 0.26 -13.07
CA CYS A 34 -23.06 1.21 -12.72
C CYS A 34 -24.11 0.49 -11.85
N TYR A 35 -24.54 1.14 -10.79
CA TYR A 35 -25.57 0.61 -9.93
C TYR A 35 -26.90 1.28 -10.30
N ASP A 36 -27.90 0.45 -10.58
CA ASP A 36 -29.26 0.87 -10.92
C ASP A 36 -30.10 0.78 -9.65
N PHE A 37 -30.50 1.94 -9.13
CA PHE A 37 -31.26 2.03 -7.90
C PHE A 37 -32.65 1.38 -7.94
N LYS A 38 -33.35 1.44 -9.09
CA LYS A 38 -34.67 0.79 -9.20
C LYS A 38 -34.53 -0.73 -9.17
N GLU A 39 -33.65 -1.27 -10.00
CA GLU A 39 -33.43 -2.71 -10.10
C GLU A 39 -32.58 -3.26 -8.95
N GLU A 40 -31.82 -2.39 -8.29
CA GLU A 40 -30.93 -2.80 -7.20
C GLU A 40 -29.90 -3.82 -7.65
N ARG A 41 -29.25 -3.47 -8.75
CA ARG A 41 -28.22 -4.31 -9.33
C ARG A 41 -27.20 -3.52 -10.13
N TRP A 42 -26.04 -4.14 -10.26
CA TRP A 42 -24.94 -3.61 -11.02
C TRP A 42 -24.87 -4.20 -12.43
N HIS A 43 -24.47 -3.37 -13.39
CA HIS A 43 -23.99 -3.86 -14.67
C HIS A 43 -22.69 -3.17 -15.09
N GLN A 44 -21.93 -3.85 -15.94
CA GLN A 44 -20.77 -3.29 -16.60
C GLN A 44 -21.19 -2.36 -17.73
N VAL A 45 -20.47 -1.27 -17.90
CA VAL A 45 -20.50 -0.50 -19.13
C VAL A 45 -19.07 -0.50 -19.74
N ALA A 46 -18.87 0.29 -20.78
CA ALA A 46 -17.60 0.30 -21.52
C ALA A 46 -16.42 0.53 -20.60
N GLU A 47 -15.44 -0.37 -20.66
CA GLU A 47 -14.21 -0.23 -19.91
C GLU A 47 -13.42 1.02 -20.28
N LEU A 48 -12.63 1.46 -19.33
CA LEU A 48 -11.72 2.58 -19.53
C LEU A 48 -10.78 2.23 -20.66
N PRO A 49 -10.30 3.26 -21.37
CA PRO A 49 -9.26 3.16 -22.37
C PRO A 49 -7.97 2.60 -21.84
N SER A 50 -7.70 2.80 -20.56
CA SER A 50 -6.49 2.31 -19.97
C SER A 50 -6.77 1.98 -18.51
N ARG A 51 -5.91 1.16 -17.92
CA ARG A 51 -5.92 0.94 -16.47
C ARG A 51 -5.79 2.26 -15.74
N ARG A 52 -6.71 2.52 -14.82
CA ARG A 52 -6.69 3.81 -14.16
C ARG A 52 -7.22 3.71 -12.75
N CYS A 53 -6.38 4.08 -11.79
CA CYS A 53 -6.76 4.16 -10.40
C CYS A 53 -6.21 5.45 -9.88
N ARG A 54 -6.68 5.85 -8.70
CA ARG A 54 -6.18 7.03 -8.01
C ARG A 54 -6.46 8.34 -8.79
N ALA A 55 -7.54 8.30 -9.57
CA ALA A 55 -7.96 9.42 -10.39
C ALA A 55 -8.98 10.26 -9.66
N GLY A 56 -9.10 11.52 -10.10
CA GLY A 56 -10.27 12.32 -9.80
C GLY A 56 -11.41 11.93 -10.71
N MET A 57 -12.63 12.14 -10.24
CA MET A 57 -13.75 11.88 -11.08
C MET A 57 -14.89 12.81 -10.76
N VAL A 58 -15.46 13.43 -11.82
CA VAL A 58 -16.60 14.32 -11.71
C VAL A 58 -17.58 14.04 -12.83
N TYR A 59 -18.83 14.43 -12.62
CA TYR A 59 -19.82 14.55 -13.68
C TYR A 59 -19.96 16.00 -14.09
N MET A 60 -19.85 16.25 -15.38
CA MET A 60 -19.89 17.60 -15.88
C MET A 60 -20.38 17.66 -17.31
N ALA A 61 -21.37 18.52 -17.55
CA ALA A 61 -21.92 18.70 -18.92
C ALA A 61 -22.34 17.38 -19.56
N GLY A 62 -22.90 16.49 -18.74
CA GLY A 62 -23.37 15.18 -19.22
C GLY A 62 -22.31 14.09 -19.39
N LEU A 63 -21.07 14.36 -18.97
CA LEU A 63 -19.96 13.48 -19.17
C LEU A 63 -19.31 13.12 -17.82
N VAL A 64 -18.80 11.91 -17.72
CA VAL A 64 -17.97 11.54 -16.55
C VAL A 64 -16.55 11.71 -16.98
N PHE A 65 -15.82 12.50 -16.20
CA PHE A 65 -14.39 12.77 -16.46
C PHE A 65 -13.56 12.00 -15.50
N ALA A 66 -12.58 11.26 -16.02
CA ALA A 66 -11.66 10.55 -15.17
C ALA A 66 -10.36 11.29 -15.32
N VAL A 67 -9.89 11.88 -14.23
CA VAL A 67 -8.82 12.87 -14.30
C VAL A 67 -7.57 12.36 -13.64
N GLY A 68 -6.50 12.15 -14.42
CA GLY A 68 -5.21 11.73 -13.86
C GLY A 68 -5.22 10.34 -13.26
N GLY A 69 -4.40 10.14 -12.23
CA GLY A 69 -4.26 8.83 -11.62
C GLY A 69 -3.03 8.01 -12.03
N PHE A 70 -3.20 6.69 -11.99
CA PHE A 70 -2.08 5.76 -12.02
C PHE A 70 -2.52 4.59 -12.87
N ASN A 71 -1.68 4.18 -13.81
CA ASN A 71 -2.05 3.08 -14.69
C ASN A 71 -1.43 1.71 -14.34
N GLY A 72 -0.90 1.59 -13.13
CA GLY A 72 -0.18 0.39 -12.76
C GLY A 72 1.31 0.45 -12.98
N SER A 73 1.79 1.34 -13.83
CA SER A 73 3.24 1.59 -13.98
C SER A 73 3.65 3.03 -13.73
N LEU A 74 2.87 3.95 -14.30
CA LEU A 74 3.18 5.36 -14.29
C LEU A 74 2.02 6.21 -13.78
N ARG A 75 2.38 7.35 -13.21
CA ARG A 75 1.38 8.37 -12.91
C ARG A 75 1.12 9.08 -14.25
N VAL A 76 -0.12 9.51 -14.44
CA VAL A 76 -0.54 10.03 -15.74
C VAL A 76 -1.12 11.44 -15.66
N ARG A 77 -1.10 12.11 -16.78
CA ARG A 77 -1.67 13.44 -16.91
C ARG A 77 -2.86 13.39 -17.84
N THR A 78 -3.20 12.19 -18.32
CA THR A 78 -4.28 12.00 -19.24
C THR A 78 -5.61 12.17 -18.50
N VAL A 79 -6.61 12.50 -19.30
CA VAL A 79 -7.94 12.77 -18.81
C VAL A 79 -8.87 12.21 -19.86
N ASP A 80 -9.75 11.28 -19.44
CA ASP A 80 -10.66 10.62 -20.35
C ASP A 80 -12.12 10.95 -19.92
N SER A 81 -13.00 11.09 -20.92
CA SER A 81 -14.39 11.43 -20.64
C SER A 81 -15.31 10.39 -21.23
N TYR A 82 -16.36 10.09 -20.48
CA TYR A 82 -17.34 9.06 -20.81
C TYR A 82 -18.70 9.70 -21.12
N ASP A 83 -19.20 9.40 -22.31
CA ASP A 83 -20.51 9.80 -22.74
C ASP A 83 -21.43 8.60 -22.47
N PRO A 84 -22.27 8.71 -21.44
CA PRO A 84 -23.12 7.57 -21.08
C PRO A 84 -24.22 7.25 -22.07
N VAL A 85 -24.62 8.22 -22.91
CA VAL A 85 -25.62 7.93 -23.95
C VAL A 85 -25.00 7.12 -25.07
N LYS A 86 -23.78 7.47 -25.47
CA LYS A 86 -23.01 6.69 -26.45
C LYS A 86 -22.30 5.45 -25.87
N ASP A 87 -22.10 5.43 -24.56
CA ASP A 87 -21.33 4.41 -23.89
C ASP A 87 -19.90 4.35 -24.48
N GLN A 88 -19.21 5.48 -24.46
CA GLN A 88 -17.91 5.58 -25.11
C GLN A 88 -16.99 6.53 -24.35
N TRP A 89 -15.72 6.15 -24.30
CA TRP A 89 -14.67 6.96 -23.67
C TRP A 89 -13.87 7.64 -24.77
N THR A 90 -13.62 8.93 -24.58
CA THR A 90 -12.75 9.70 -25.47
C THR A 90 -11.90 10.64 -24.64
N SER A 91 -10.73 10.99 -25.14
CA SER A 91 -9.83 11.89 -24.42
C SER A 91 -10.24 13.35 -24.52
N VAL A 92 -9.91 14.08 -23.45
CA VAL A 92 -9.82 15.54 -23.47
C VAL A 92 -8.36 15.93 -23.23
N ALA A 93 -8.07 17.24 -23.20
CA ALA A 93 -6.73 17.75 -23.06
C ALA A 93 -6.07 17.17 -21.82
N ASN A 94 -4.80 16.80 -21.97
CA ASN A 94 -3.94 16.42 -20.86
C ASN A 94 -3.74 17.62 -19.92
N MET A 95 -3.62 17.35 -18.63
CA MET A 95 -3.22 18.31 -17.63
C MET A 95 -1.76 18.67 -17.84
N ARG A 96 -1.35 19.78 -17.23
CA ARG A 96 0.04 20.19 -17.26
C ARG A 96 0.89 19.13 -16.58
N ASP A 97 0.45 18.72 -15.39
CA ASP A 97 1.19 17.79 -14.55
C ASP A 97 0.55 16.41 -14.41
N ARG A 98 1.40 15.39 -14.43
CA ARG A 98 1.04 14.04 -14.01
C ARG A 98 0.70 14.14 -12.52
N ARG A 99 -0.39 13.51 -12.14
CA ARG A 99 -1.08 13.82 -10.89
C ARG A 99 -1.84 12.55 -10.53
N SER A 100 -1.55 11.97 -9.36
CA SER A 100 -2.27 10.80 -8.85
C SER A 100 -2.67 10.99 -7.37
N THR A 101 -3.77 10.32 -6.96
CA THR A 101 -4.36 10.49 -5.63
C THR A 101 -4.86 11.93 -5.41
N LEU A 102 -5.26 12.57 -6.51
CA LEU A 102 -5.78 13.92 -6.47
C LEU A 102 -7.26 13.85 -6.15
N GLY A 103 -7.87 15.00 -5.93
CA GLY A 103 -9.32 15.08 -5.91
C GLY A 103 -9.72 15.92 -7.09
N ALA A 104 -10.97 15.82 -7.50
CA ALA A 104 -11.50 16.68 -8.58
C ALA A 104 -12.91 17.06 -8.23
N ALA A 105 -13.33 18.25 -8.67
CA ALA A 105 -14.68 18.80 -8.41
C ALA A 105 -14.98 19.86 -9.41
N VAL A 106 -16.26 20.11 -9.61
CA VAL A 106 -16.71 21.15 -10.50
C VAL A 106 -17.15 22.36 -9.65
N LEU A 107 -16.62 23.52 -10.01
CA LEU A 107 -17.04 24.77 -9.45
C LEU A 107 -17.20 25.82 -10.56
N ASN A 108 -18.37 26.46 -10.59
CA ASN A 108 -18.68 27.51 -11.56
C ASN A 108 -18.40 27.05 -12.99
N GLY A 109 -18.74 25.80 -13.32
CA GLY A 109 -18.57 25.33 -14.70
C GLY A 109 -17.16 24.95 -15.07
N LEU A 110 -16.23 25.02 -14.12
CA LEU A 110 -14.85 24.56 -14.33
C LEU A 110 -14.52 23.34 -13.48
N LEU A 111 -13.75 22.45 -14.06
CA LEU A 111 -13.33 21.22 -13.41
C LEU A 111 -11.95 21.42 -12.77
N TYR A 112 -11.88 21.40 -11.43
CA TYR A 112 -10.62 21.53 -10.74
C TYR A 112 -10.02 20.18 -10.38
N ALA A 113 -8.73 20.07 -10.65
CA ALA A 113 -7.91 18.93 -10.33
C ALA A 113 -6.96 19.42 -9.23
N VAL A 114 -7.08 18.83 -8.05
CA VAL A 114 -6.47 19.33 -6.85
C VAL A 114 -5.43 18.32 -6.30
N GLY A 115 -4.21 18.79 -6.15
CA GLY A 115 -3.19 18.05 -5.41
C GLY A 115 -2.75 16.75 -6.06
N GLY A 116 -2.38 15.82 -5.20
CA GLY A 116 -1.96 14.51 -5.58
C GLY A 116 -0.49 14.32 -5.34
N PHE A 117 0.03 13.38 -6.13
CA PHE A 117 1.36 12.83 -6.01
C PHE A 117 1.81 12.42 -7.44
N ASP A 118 3.09 12.55 -7.75
CA ASP A 118 3.52 12.25 -9.10
C ASP A 118 4.63 11.28 -9.12
N GLY A 119 4.83 10.60 -7.99
CA GLY A 119 5.82 9.58 -7.91
C GLY A 119 7.07 10.06 -7.22
N SER A 120 7.28 11.38 -7.22
CA SER A 120 8.47 12.02 -6.66
C SER A 120 8.08 12.89 -5.50
N THR A 121 7.08 13.74 -5.70
CA THR A 121 6.62 14.63 -4.62
C THR A 121 5.12 14.70 -4.56
N GLY A 122 4.57 15.09 -3.42
CA GLY A 122 3.18 15.48 -3.36
C GLY A 122 2.99 16.88 -3.93
N LEU A 123 1.75 17.27 -4.19
CA LEU A 123 1.44 18.43 -4.98
C LEU A 123 0.48 19.28 -4.23
N SER A 124 0.83 20.59 -4.13
CA SER A 124 -0.08 21.66 -3.76
C SER A 124 -0.71 22.32 -4.97
N SER A 125 -0.20 21.98 -6.15
CA SER A 125 -0.68 22.56 -7.40
C SER A 125 -2.12 22.18 -7.71
N VAL A 126 -2.79 23.09 -8.39
CA VAL A 126 -4.18 22.92 -8.77
C VAL A 126 -4.31 23.41 -10.20
N GLU A 127 -5.09 22.68 -11.00
CA GLU A 127 -5.39 23.05 -12.39
C GLU A 127 -6.87 23.07 -12.57
N ALA A 128 -7.33 23.84 -13.56
CA ALA A 128 -8.75 24.01 -13.86
C ALA A 128 -8.96 23.83 -15.36
N TYR A 129 -9.98 23.04 -15.68
CA TYR A 129 -10.28 22.68 -17.05
C TYR A 129 -11.53 23.45 -17.49
N ASN A 130 -11.42 24.07 -18.66
CA ASN A 130 -12.50 24.74 -19.31
C ASN A 130 -12.91 23.87 -20.52
N ILE A 131 -14.11 23.32 -20.42
CA ILE A 131 -14.64 22.38 -21.39
C ILE A 131 -14.90 23.11 -22.74
N LYS A 132 -15.12 24.42 -22.70
CA LYS A 132 -15.46 25.15 -23.94
C LYS A 132 -14.24 25.22 -24.86
N SER A 133 -13.08 25.44 -24.25
CA SER A 133 -11.81 25.60 -24.96
C SER A 133 -10.95 24.35 -24.90
N ASN A 134 -11.39 23.35 -24.16
CA ASN A 134 -10.64 22.10 -24.00
C ASN A 134 -9.20 22.41 -23.62
N GLU A 135 -9.05 23.21 -22.56
CA GLU A 135 -7.76 23.68 -22.05
C GLU A 135 -7.77 23.61 -20.54
N TRP A 136 -6.66 23.15 -19.98
CA TRP A 136 -6.35 23.29 -18.55
C TRP A 136 -5.50 24.53 -18.32
N PHE A 137 -5.75 25.20 -17.21
CA PHE A 137 -4.91 26.30 -16.79
C PHE A 137 -4.58 26.31 -15.28
N HIS A 138 -3.51 27.03 -14.95
CA HIS A 138 -2.96 27.08 -13.62
C HIS A 138 -3.91 27.81 -12.66
N VAL A 139 -4.07 27.27 -11.48
CA VAL A 139 -4.95 27.83 -10.46
C VAL A 139 -4.03 28.08 -9.25
N ALA A 140 -4.41 28.97 -8.32
CA ALA A 140 -3.58 29.18 -7.14
C ALA A 140 -3.35 27.85 -6.41
N PRO A 141 -2.10 27.59 -5.96
CA PRO A 141 -1.85 26.39 -5.17
C PRO A 141 -2.36 26.48 -3.74
N MET A 142 -2.67 25.32 -3.19
CA MET A 142 -2.92 25.14 -1.77
C MET A 142 -1.73 25.47 -0.89
N ASN A 143 -2.07 25.76 0.36
CA ASN A 143 -1.08 25.99 1.39
C ASN A 143 -0.21 24.75 1.66
N THR A 144 -0.86 23.58 1.69
CA THR A 144 -0.15 22.30 1.92
C THR A 144 -0.22 21.42 0.69
N ARG A 145 0.89 20.73 0.41
CA ARG A 145 0.93 19.66 -0.59
C ARG A 145 0.18 18.41 -0.04
N ARG A 146 -0.91 18.05 -0.70
CA ARG A 146 -1.80 17.00 -0.22
C ARG A 146 -1.94 15.89 -1.21
N SER A 147 -1.38 14.75 -0.86
CA SER A 147 -1.70 13.52 -1.64
C SER A 147 -2.85 12.78 -0.99
N SER A 148 -3.52 11.92 -1.76
CA SER A 148 -4.71 11.25 -1.28
C SER A 148 -5.70 12.19 -0.60
N VAL A 149 -5.97 13.29 -1.30
CA VAL A 149 -6.85 14.34 -0.83
C VAL A 149 -8.26 14.10 -1.36
N GLY A 150 -9.26 14.51 -0.58
CA GLY A 150 -10.66 14.50 -1.00
C GLY A 150 -11.14 15.94 -1.15
N VAL A 151 -12.00 16.15 -2.13
CA VAL A 151 -12.47 17.47 -2.52
CA VAL A 151 -12.49 17.49 -2.42
C VAL A 151 -14.00 17.48 -2.61
N GLY A 152 -14.62 18.60 -2.29
CA GLY A 152 -16.02 18.79 -2.49
C GLY A 152 -16.29 20.25 -2.54
N VAL A 153 -17.40 20.61 -3.17
CA VAL A 153 -17.78 21.99 -3.37
C VAL A 153 -19.05 22.22 -2.56
N VAL A 154 -19.09 23.25 -1.74
CA VAL A 154 -20.32 23.66 -1.07
C VAL A 154 -20.43 25.18 -1.22
N GLY A 155 -21.65 25.65 -1.57
CA GLY A 155 -21.93 27.08 -1.61
C GLY A 155 -20.90 27.95 -2.30
N GLY A 156 -20.47 27.54 -3.49
CA GLY A 156 -19.53 28.35 -4.26
C GLY A 156 -18.09 28.27 -3.83
N LEU A 157 -17.76 27.42 -2.85
CA LEU A 157 -16.35 27.26 -2.42
C LEU A 157 -15.96 25.82 -2.59
N LEU A 158 -14.67 25.60 -2.89
CA LEU A 158 -14.10 24.29 -3.11
C LEU A 158 -13.21 23.91 -1.90
N TYR A 159 -13.43 22.72 -1.34
CA TYR A 159 -12.76 22.29 -0.12
C TYR A 159 -11.81 21.15 -0.41
N ALA A 160 -10.62 21.23 0.16
CA ALA A 160 -9.59 20.20 0.01
C ALA A 160 -9.44 19.67 1.41
N VAL A 161 -9.72 18.38 1.59
CA VAL A 161 -9.84 17.80 2.92
C VAL A 161 -8.78 16.76 3.21
N GLY A 162 -7.97 17.04 4.24
CA GLY A 162 -7.01 16.09 4.74
C GLY A 162 -5.96 15.71 3.72
N GLY A 163 -5.59 14.44 3.72
CA GLY A 163 -4.57 13.95 2.82
C GLY A 163 -3.34 13.51 3.55
N TYR A 164 -2.28 13.37 2.77
CA TYR A 164 -0.98 12.93 3.26
C TYR A 164 0.03 13.98 2.80
N ASP A 165 0.87 14.41 3.75
CA ASP A 165 1.94 15.32 3.52
C ASP A 165 3.20 14.48 3.35
N VAL A 166 3.60 14.30 2.10
CA VAL A 166 4.76 13.50 1.75
C VAL A 166 6.03 13.95 2.46
N ALA A 167 6.32 15.25 2.46
CA ALA A 167 7.57 15.76 3.09
C ALA A 167 7.62 15.44 4.61
N SER A 168 6.50 15.63 5.31
CA SER A 168 6.39 15.37 6.74
C SER A 168 6.12 13.89 7.06
N ARG A 169 5.84 13.08 6.04
CA ARG A 169 5.42 11.69 6.20
C ARG A 169 4.36 11.58 7.27
N GLN A 170 3.28 12.32 7.08
CA GLN A 170 2.13 12.16 7.96
C GLN A 170 0.84 12.58 7.32
N CYS A 171 -0.21 12.02 7.92
CA CYS A 171 -1.57 12.19 7.47
C CYS A 171 -2.06 13.50 8.03
N LEU A 172 -2.98 14.15 7.32
CA LEU A 172 -3.38 15.51 7.64
C LEU A 172 -4.77 15.61 8.23
N SER A 173 -4.90 16.48 9.22
CA SER A 173 -6.19 16.89 9.79
C SER A 173 -6.71 18.23 9.22
N THR A 174 -5.83 18.98 8.57
CA THR A 174 -6.12 20.34 8.12
C THR A 174 -7.00 20.30 6.84
N VAL A 175 -7.81 21.36 6.65
CA VAL A 175 -8.70 21.49 5.52
C VAL A 175 -8.56 22.90 4.98
N GLU A 176 -8.70 23.07 3.67
CA GLU A 176 -8.54 24.38 3.05
C GLU A 176 -9.67 24.61 2.10
N CYS A 177 -9.89 25.85 1.78
CA CYS A 177 -11.06 26.28 1.02
C CYS A 177 -10.61 27.30 0.01
N TYR A 178 -11.07 27.08 -1.22
CA TYR A 178 -10.69 27.87 -2.36
C TYR A 178 -11.86 28.73 -2.81
N ASN A 179 -11.57 30.02 -2.92
CA ASN A 179 -12.46 31.02 -3.49
C ASN A 179 -12.00 31.43 -4.90
N ALA A 180 -12.89 31.24 -5.89
CA ALA A 180 -12.57 31.45 -7.29
C ALA A 180 -12.50 32.92 -7.67
N THR A 181 -13.24 33.78 -6.94
CA THR A 181 -13.19 35.24 -7.15
C THR A 181 -11.83 35.81 -6.77
N THR A 182 -11.31 35.35 -5.63
CA THR A 182 -10.01 35.84 -5.12
C THR A 182 -8.81 34.96 -5.51
N ASN A 183 -9.09 33.74 -5.96
CA ASN A 183 -8.11 32.79 -6.42
C ASN A 183 -7.10 32.50 -5.30
N GLU A 184 -7.62 32.12 -4.15
CA GLU A 184 -6.76 31.78 -3.03
C GLU A 184 -7.36 30.72 -2.13
N TRP A 185 -6.46 29.92 -1.57
CA TRP A 185 -6.78 28.88 -0.64
C TRP A 185 -6.51 29.38 0.78
N THR A 186 -7.49 29.19 1.67
CA THR A 186 -7.31 29.58 3.06
C THR A 186 -7.67 28.41 3.96
N TYR A 187 -6.94 28.22 5.04
CA TYR A 187 -7.24 27.15 5.95
C TYR A 187 -8.59 27.43 6.57
N ILE A 188 -9.42 26.40 6.76
CA ILE A 188 -10.65 26.49 7.58
C ILE A 188 -10.48 25.60 8.82
N ALA A 189 -11.57 25.39 9.54
CA ALA A 189 -11.55 24.53 10.73
C ALA A 189 -10.97 23.14 10.43
N GLU A 190 -10.11 22.64 11.31
CA GLU A 190 -9.45 21.34 11.13
C GLU A 190 -10.44 20.24 11.44
N MET A 191 -10.26 19.05 10.86
CA MET A 191 -11.01 17.89 11.30
C MET A 191 -10.57 17.47 12.72
N SER A 192 -11.38 16.60 13.34
CA SER A 192 -11.11 16.12 14.69
C SER A 192 -9.93 15.15 14.70
N THR A 193 -9.51 14.72 13.51
CA THR A 193 -8.55 13.70 13.41
C THR A 193 -7.92 13.74 12.04
N ARG A 194 -6.72 13.17 11.93
CA ARG A 194 -6.04 13.06 10.67
C ARG A 194 -6.67 11.96 9.81
N ARG A 195 -6.93 12.31 8.56
CA ARG A 195 -7.46 11.36 7.61
C ARG A 195 -6.79 11.57 6.27
N SER A 196 -5.90 10.67 5.90
CA SER A 196 -5.50 10.54 4.50
C SER A 196 -6.50 9.58 3.85
N GLY A 197 -6.79 9.79 2.56
CA GLY A 197 -7.71 8.94 1.85
C GLY A 197 -9.13 9.02 2.35
N ALA A 198 -9.57 10.18 2.84
CA ALA A 198 -10.95 10.30 3.28
C ALA A 198 -11.83 10.36 2.05
N GLY A 199 -12.98 9.71 2.08
CA GLY A 199 -13.98 9.94 1.07
C GLY A 199 -14.62 11.26 1.44
N VAL A 200 -14.91 12.09 0.43
CA VAL A 200 -15.46 13.42 0.65
C VAL A 200 -16.62 13.54 -0.24
N GLY A 201 -17.70 14.01 0.33
CA GLY A 201 -18.94 14.19 -0.39
C GLY A 201 -19.77 15.29 0.25
N VAL A 202 -20.76 15.78 -0.50
CA VAL A 202 -21.60 16.87 -0.05
C VAL A 202 -23.06 16.47 -0.13
N LEU A 203 -23.81 16.86 0.89
CA LEU A 203 -25.20 16.47 1.00
C LEU A 203 -25.90 17.52 1.86
N ASN A 204 -26.90 18.17 1.28
CA ASN A 204 -27.71 19.21 1.93
C ASN A 204 -26.81 20.34 2.44
N ASN A 205 -25.85 20.74 1.62
CA ASN A 205 -24.91 21.79 1.96
C ASN A 205 -24.02 21.52 3.17
N LEU A 206 -23.80 20.25 3.47
CA LEU A 206 -22.79 19.85 4.44
C LEU A 206 -21.76 19.02 3.75
N LEU A 207 -20.52 19.14 4.21
CA LEU A 207 -19.37 18.45 3.64
C LEU A 207 -18.97 17.30 4.56
N TYR A 208 -19.07 16.07 4.02
CA TYR A 208 -18.73 14.85 4.78
C TYR A 208 -17.29 14.41 4.47
N ALA A 209 -16.58 13.99 5.51
CA ALA A 209 -15.28 13.35 5.39
C ALA A 209 -15.44 11.96 6.02
N VAL A 210 -15.41 10.92 5.19
CA VAL A 210 -15.67 9.56 5.65
C VAL A 210 -14.36 8.72 5.65
N GLY A 211 -14.09 8.07 6.77
CA GLY A 211 -13.02 7.06 6.85
C GLY A 211 -11.67 7.71 6.66
N GLY A 212 -10.87 7.12 5.77
CA GLY A 212 -9.48 7.48 5.58
C GLY A 212 -8.63 6.72 6.56
N HIS A 213 -7.38 7.16 6.73
CA HIS A 213 -6.47 6.53 7.64
C HIS A 213 -5.42 7.50 8.18
N ASP A 214 -4.89 7.14 9.35
CA ASP A 214 -3.64 7.71 9.91
C ASP A 214 -2.75 6.50 10.15
N GLY A 215 -1.84 6.23 9.22
CA GLY A 215 -1.07 5.00 9.30
C GLY A 215 -1.86 3.83 8.80
N PRO A 216 -1.53 2.61 9.27
CA PRO A 216 -2.03 1.39 8.62
C PRO A 216 -3.44 0.97 9.02
N LEU A 217 -3.86 1.42 10.19
CA LEU A 217 -5.23 1.26 10.65
C LEU A 217 -6.21 2.22 9.96
N VAL A 218 -7.28 1.64 9.47
CA VAL A 218 -8.20 2.33 8.65
C VAL A 218 -9.41 2.72 9.54
N ARG A 219 -9.91 3.93 9.32
CA ARG A 219 -11.03 4.44 10.07
C ARG A 219 -12.40 4.09 9.48
N LYS A 220 -13.36 3.91 10.38
CA LYS A 220 -14.76 3.83 10.02
C LYS A 220 -15.50 5.07 10.49
N SER A 221 -14.78 5.99 11.19
CA SER A 221 -15.41 7.19 11.71
C SER A 221 -15.70 8.17 10.59
N VAL A 222 -16.66 9.08 10.84
CA VAL A 222 -17.11 10.05 9.86
C VAL A 222 -17.39 11.38 10.54
N GLU A 223 -17.04 12.48 9.87
CA GLU A 223 -17.32 13.80 10.44
C GLU A 223 -17.87 14.72 9.38
N VAL A 224 -18.67 15.69 9.83
CA VAL A 224 -19.39 16.57 8.89
C VAL A 224 -19.12 18.03 9.19
N TYR A 225 -18.95 18.79 8.13
CA TYR A 225 -18.57 20.19 8.24
C TYR A 225 -19.71 21.07 7.76
N ASP A 226 -19.97 22.10 8.55
CA ASP A 226 -20.99 23.08 8.20
C ASP A 226 -20.29 24.42 7.97
N PRO A 227 -20.30 24.92 6.71
CA PRO A 227 -19.67 26.20 6.34
C PRO A 227 -20.33 27.40 7.04
N THR A 228 -21.61 27.26 7.40
CA THR A 228 -22.28 28.33 8.15
C THR A 228 -21.72 28.45 9.58
N THR A 229 -21.20 27.37 10.17
CA THR A 229 -20.62 27.47 11.53
C THR A 229 -19.09 27.34 11.53
N ASN A 230 -18.51 26.90 10.41
CA ASN A 230 -17.09 26.60 10.33
C ASN A 230 -16.67 25.60 11.40
N ALA A 231 -17.47 24.56 11.56
CA ALA A 231 -17.23 23.57 12.60
C ALA A 231 -17.53 22.18 12.08
N TRP A 232 -16.76 21.21 12.59
CA TRP A 232 -16.95 19.80 12.32
C TRP A 232 -17.61 19.11 13.48
N ARG A 233 -18.39 18.09 13.18
CA ARG A 233 -18.93 17.26 14.24
C ARG A 233 -19.00 15.82 13.78
N GLN A 234 -18.96 14.90 14.73
CA GLN A 234 -18.97 13.47 14.43
C GLN A 234 -20.38 13.05 14.02
N VAL A 235 -20.47 12.06 13.15
CA VAL A 235 -21.73 11.40 12.90
C VAL A 235 -21.47 9.93 13.15
N ALA A 236 -22.47 9.08 12.90
CA ALA A 236 -22.37 7.64 13.12
C ALA A 236 -21.19 7.04 12.33
N ASP A 237 -20.49 6.09 12.95
CA ASP A 237 -19.43 5.34 12.25
C ASP A 237 -20.02 4.51 11.12
N MET A 238 -19.27 4.37 10.04
CA MET A 238 -19.62 3.43 8.98
C MET A 238 -19.64 1.97 9.48
N ASN A 239 -20.29 1.09 8.73
CA ASN A 239 -20.21 -0.34 9.00
C ASN A 239 -18.79 -0.93 8.79
N MET A 240 -18.12 -0.52 7.71
CA MET A 240 -16.77 -0.98 7.41
C MET A 240 -15.80 0.21 7.56
N CYS A 241 -14.59 -0.10 8.00
CA CYS A 241 -13.49 0.82 7.87
C CYS A 241 -13.21 0.92 6.39
N ARG A 242 -13.01 2.13 5.88
CA ARG A 242 -12.72 2.40 4.48
C ARG A 242 -11.79 3.61 4.30
N ARG A 243 -10.65 3.39 3.67
CA ARG A 243 -9.80 4.44 3.12
C ARG A 243 -9.89 4.40 1.59
N ASN A 244 -9.71 5.55 0.97
CA ASN A 244 -9.81 5.65 -0.50
C ASN A 244 -11.11 5.06 -1.09
N ALA A 245 -12.24 5.27 -0.39
CA ALA A 245 -13.57 4.94 -0.93
C ALA A 245 -14.06 6.08 -1.82
N GLY A 246 -14.92 5.78 -2.78
CA GLY A 246 -15.56 6.85 -3.53
C GLY A 246 -16.82 7.25 -2.82
N VAL A 247 -17.20 8.52 -2.95
CA VAL A 247 -18.44 9.06 -2.38
C VAL A 247 -19.32 9.76 -3.39
N CYS A 248 -20.63 9.64 -3.22
CA CYS A 248 -21.55 10.47 -4.00
C CYS A 248 -22.85 10.60 -3.23
N ALA A 249 -23.70 11.52 -3.65
CA ALA A 249 -24.96 11.81 -2.98
C ALA A 249 -26.09 11.54 -3.95
N VAL A 250 -27.04 10.69 -3.56
CA VAL A 250 -28.18 10.38 -4.40
C VAL A 250 -29.45 10.39 -3.53
N ASN A 251 -30.41 11.20 -3.97
CA ASN A 251 -31.75 11.23 -3.36
C ASN A 251 -31.66 11.21 -1.85
N GLY A 252 -30.91 12.15 -1.31
CA GLY A 252 -30.90 12.38 0.14
C GLY A 252 -29.98 11.49 0.93
N LEU A 253 -29.23 10.62 0.24
CA LEU A 253 -28.40 9.63 0.94
C LEU A 253 -26.96 9.71 0.44
N LEU A 254 -26.01 9.49 1.33
CA LEU A 254 -24.60 9.58 0.97
C LEU A 254 -24.09 8.16 0.74
N TYR A 255 -23.68 7.82 -0.48
CA TYR A 255 -23.16 6.48 -0.77
C TYR A 255 -21.62 6.46 -0.75
N VAL A 256 -21.07 5.49 -0.03
CA VAL A 256 -19.67 5.25 0.08
C VAL A 256 -19.39 3.89 -0.60
N VAL A 257 -18.50 3.93 -1.56
CA VAL A 257 -18.28 2.83 -2.47
C VAL A 257 -16.86 2.30 -2.28
N GLY A 258 -16.77 1.02 -2.00
CA GLY A 258 -15.50 0.32 -1.94
C GLY A 258 -14.57 0.95 -0.91
N GLY A 259 -13.29 1.08 -1.30
CA GLY A 259 -12.26 1.50 -0.41
C GLY A 259 -11.54 0.30 0.15
N ASP A 260 -10.53 0.55 0.93
CA ASP A 260 -9.65 -0.49 1.47
C ASP A 260 -9.88 -0.51 2.99
N ASP A 261 -9.99 -1.71 3.59
CA ASP A 261 -10.37 -1.79 5.04
C ASP A 261 -9.18 -2.11 5.93
N GLY A 262 -7.98 -2.10 5.32
CA GLY A 262 -6.72 -2.48 6.00
C GLY A 262 -6.35 -3.93 5.68
N SER A 263 -7.23 -4.60 4.95
CA SER A 263 -7.02 -5.95 4.55
C SER A 263 -7.22 -6.10 3.05
N CYS A 264 -8.41 -5.74 2.59
CA CYS A 264 -8.85 -5.94 1.22
C CYS A 264 -9.47 -4.70 0.62
N ASN A 265 -9.48 -4.65 -0.70
CA ASN A 265 -10.28 -3.71 -1.44
C ASN A 265 -11.73 -4.17 -1.45
N LEU A 266 -12.61 -3.36 -0.88
CA LEU A 266 -13.99 -3.76 -0.68
C LEU A 266 -14.83 -3.66 -1.95
N ALA A 267 -15.77 -4.60 -2.07
CA ALA A 267 -16.73 -4.60 -3.15
C ALA A 267 -18.09 -4.07 -2.67
N SER A 268 -18.19 -3.80 -1.37
CA SER A 268 -19.44 -3.35 -0.75
C SER A 268 -19.63 -1.79 -0.82
N VAL A 269 -20.88 -1.38 -0.72
CA VAL A 269 -21.26 -0.02 -0.77
C VAL A 269 -22.15 0.12 0.47
N GLU A 270 -22.05 1.24 1.15
CA GLU A 270 -23.02 1.51 2.21
C GLU A 270 -23.36 2.97 2.13
N TYR A 271 -24.51 3.33 2.69
CA TYR A 271 -25.00 4.67 2.58
C TYR A 271 -25.47 5.19 3.93
N TYR A 272 -25.32 6.49 4.08
CA TYR A 272 -25.66 7.24 5.26
C TYR A 272 -26.99 8.00 5.06
N ASN A 273 -27.91 7.83 6.00
CA ASN A 273 -29.15 8.59 6.09
C ASN A 273 -28.97 9.65 7.20
N PRO A 274 -28.68 10.90 6.82
CA PRO A 274 -28.51 11.93 7.87
C PRO A 274 -29.71 12.14 8.78
N THR A 275 -30.92 11.80 8.36
CA THR A 275 -32.08 12.04 9.24
C THR A 275 -32.24 10.98 10.33
N THR A 276 -31.59 9.82 10.15
CA THR A 276 -31.57 8.80 11.18
C THR A 276 -30.18 8.56 11.76
N ASP A 277 -29.17 9.21 11.21
CA ASP A 277 -27.78 9.00 11.61
C ASP A 277 -27.44 7.52 11.59
N LYS A 278 -27.87 6.83 10.53
CA LYS A 278 -27.58 5.41 10.35
C LYS A 278 -26.94 5.10 9.01
N TRP A 279 -25.95 4.18 9.03
CA TRP A 279 -25.28 3.61 7.83
C TRP A 279 -25.84 2.22 7.52
N THR A 280 -26.23 2.02 6.26
CA THR A 280 -26.81 0.76 5.79
C THR A 280 -25.97 0.19 4.62
N VAL A 281 -25.59 -1.06 4.76
CA VAL A 281 -24.82 -1.76 3.69
C VAL A 281 -25.75 -2.23 2.58
N VAL A 282 -25.41 -1.92 1.35
CA VAL A 282 -26.16 -2.37 0.20
C VAL A 282 -25.91 -3.88 0.03
N SER A 283 -26.97 -4.66 -0.14
CA SER A 283 -26.82 -6.11 -0.16
C SER A 283 -26.06 -6.60 -1.38
N SER A 284 -26.26 -5.99 -2.54
CA SER A 284 -25.52 -6.42 -3.74
C SER A 284 -24.15 -5.72 -3.88
N CYS A 285 -23.12 -6.55 -3.98
CA CYS A 285 -21.76 -6.03 -4.05
C CYS A 285 -21.35 -5.85 -5.51
N MET A 286 -20.29 -5.08 -5.72
CA MET A 286 -19.70 -4.89 -7.05
C MET A 286 -19.08 -6.19 -7.53
N SER A 287 -18.81 -6.23 -8.82
CA SER A 287 -18.20 -7.39 -9.48
C SER A 287 -16.77 -7.59 -8.99
N THR A 288 -16.12 -6.51 -8.57
CA THR A 288 -14.76 -6.56 -8.04
C THR A 288 -14.64 -5.58 -6.88
N GLY A 289 -13.83 -5.92 -5.89
CA GLY A 289 -13.39 -4.95 -4.94
C GLY A 289 -12.57 -3.85 -5.60
N ARG A 290 -12.70 -2.63 -5.07
CA ARG A 290 -12.06 -1.47 -5.64
C ARG A 290 -11.73 -0.48 -4.56
N SER A 291 -10.49 -0.03 -4.49
CA SER A 291 -10.21 1.20 -3.79
C SER A 291 -9.64 2.18 -4.80
N TYR A 292 -9.60 3.45 -4.43
CA TYR A 292 -9.13 4.47 -5.33
C TYR A 292 -9.84 4.43 -6.70
N ALA A 293 -11.15 4.16 -6.68
CA ALA A 293 -12.02 4.11 -7.84
C ALA A 293 -12.75 5.47 -7.99
N GLY A 294 -13.09 5.89 -9.19
CA GLY A 294 -13.91 7.08 -9.36
C GLY A 294 -15.36 6.73 -9.14
N VAL A 295 -16.11 7.63 -8.53
CA VAL A 295 -17.56 7.44 -8.32
C VAL A 295 -18.27 8.73 -8.63
N THR A 296 -19.35 8.62 -9.40
CA THR A 296 -20.22 9.73 -9.64
C THR A 296 -21.58 9.23 -10.03
N VAL A 297 -22.50 10.17 -10.22
CA VAL A 297 -23.89 9.87 -10.43
C VAL A 297 -24.31 10.51 -11.74
N ILE A 298 -24.95 9.71 -12.60
CA ILE A 298 -25.43 10.22 -13.89
C ILE A 298 -26.92 9.96 -13.99
N ASP A 299 -27.54 10.56 -15.01
CA ASP A 299 -28.95 10.32 -15.30
C ASP A 299 -29.11 9.06 -16.13
N LYS A 300 -30.12 8.25 -15.80
CA LYS A 300 -30.45 7.04 -16.55
C LYS A 300 -31.48 7.41 -17.61
N PRO B 15 26.48 -26.04 -5.65
CA PRO B 15 25.55 -25.70 -6.72
C PRO B 15 24.16 -25.36 -6.15
N LYS B 16 23.73 -24.12 -6.33
CA LYS B 16 22.64 -23.55 -5.54
C LYS B 16 21.48 -23.10 -6.41
N LEU B 17 20.28 -23.19 -5.85
CA LEU B 17 19.12 -22.59 -6.51
C LEU B 17 18.62 -21.56 -5.55
N MET B 18 18.24 -20.42 -6.10
CA MET B 18 17.59 -19.36 -5.35
C MET B 18 16.08 -19.51 -5.51
N VAL B 19 15.36 -19.64 -4.41
CA VAL B 19 13.96 -19.98 -4.42
C VAL B 19 13.18 -18.75 -4.00
N VAL B 20 12.18 -18.37 -4.81
CA VAL B 20 11.35 -17.19 -4.59
C VAL B 20 9.91 -17.61 -4.50
N VAL B 21 9.31 -17.29 -3.36
CA VAL B 21 8.11 -17.92 -2.89
C VAL B 21 7.01 -16.88 -2.65
N GLY B 22 5.96 -16.98 -3.47
CA GLY B 22 4.76 -16.22 -3.24
C GLY B 22 5.01 -14.74 -3.34
N GLY B 23 4.32 -13.98 -2.50
CA GLY B 23 4.48 -12.53 -2.47
C GLY B 23 3.26 -11.84 -3.03
N GLN B 24 3.38 -10.53 -3.26
CA GLN B 24 2.31 -9.75 -3.84
C GLN B 24 2.76 -9.09 -5.15
N ALA B 25 1.83 -9.05 -6.10
CA ALA B 25 2.16 -8.73 -7.51
C ALA B 25 1.42 -7.62 -8.22
N PRO B 26 0.47 -6.89 -7.56
CA PRO B 26 0.16 -6.71 -6.12
C PRO B 26 -0.83 -7.69 -5.50
N LYS B 27 -1.45 -8.55 -6.30
CA LYS B 27 -2.28 -9.62 -5.75
C LYS B 27 -1.41 -10.59 -4.96
N ALA B 28 -1.95 -11.12 -3.89
CA ALA B 28 -1.26 -12.18 -3.15
C ALA B 28 -1.22 -13.44 -4.05
N ILE B 29 -0.02 -14.02 -4.29
CA ILE B 29 0.15 -15.13 -5.23
C ILE B 29 0.70 -16.44 -4.61
N ARG B 30 0.59 -17.51 -5.37
CA ARG B 30 0.99 -18.84 -4.92
C ARG B 30 2.26 -19.32 -5.60
N SER B 31 2.58 -18.69 -6.72
CA SER B 31 3.71 -19.15 -7.52
C SER B 31 5.06 -19.15 -6.81
N VAL B 32 5.86 -20.18 -7.06
CA VAL B 32 7.22 -20.29 -6.52
C VAL B 32 8.16 -20.53 -7.70
N GLU B 33 9.19 -19.71 -7.83
CA GLU B 33 10.12 -19.81 -8.94
C GLU B 33 11.49 -19.99 -8.38
N CYS B 34 12.37 -20.64 -9.14
CA CYS B 34 13.74 -20.84 -8.72
C CYS B 34 14.72 -20.37 -9.78
N TYR B 35 15.78 -19.70 -9.34
CA TYR B 35 16.80 -19.25 -10.25
C TYR B 35 17.98 -20.18 -10.21
N ASP B 36 18.39 -20.66 -11.37
CA ASP B 36 19.53 -21.57 -11.52
C ASP B 36 20.68 -20.70 -11.99
N PHE B 37 21.70 -20.56 -11.15
CA PHE B 37 22.82 -19.68 -11.44
C PHE B 37 23.70 -20.21 -12.58
N LYS B 38 23.68 -21.52 -12.83
CA LYS B 38 24.42 -22.14 -13.94
C LYS B 38 23.79 -21.83 -15.29
N GLU B 39 22.54 -22.23 -15.44
CA GLU B 39 21.76 -21.96 -16.66
C GLU B 39 21.40 -20.46 -16.83
N GLU B 40 21.49 -19.70 -15.74
CA GLU B 40 21.04 -18.30 -15.72
C GLU B 40 19.59 -18.16 -16.18
N ARG B 41 18.73 -18.95 -15.55
CA ARG B 41 17.35 -19.06 -15.95
C ARG B 41 16.45 -19.33 -14.74
N TRP B 42 15.20 -18.91 -14.84
CA TRP B 42 14.16 -19.23 -13.86
C TRP B 42 13.28 -20.39 -14.31
N HIS B 43 12.81 -21.20 -13.37
CA HIS B 43 11.73 -22.17 -13.61
C HIS B 43 10.77 -22.17 -12.43
N GLN B 44 9.53 -22.58 -12.69
CA GLN B 44 8.51 -22.67 -11.68
C GLN B 44 8.68 -24.01 -11.00
N VAL B 45 8.41 -24.06 -9.70
CA VAL B 45 8.24 -25.30 -9.01
C VAL B 45 6.84 -25.33 -8.36
N ALA B 46 6.57 -26.36 -7.58
CA ALA B 46 5.29 -26.49 -6.90
C ALA B 46 4.84 -25.18 -6.25
N GLU B 47 3.63 -24.76 -6.64
CA GLU B 47 2.99 -23.60 -6.06
C GLU B 47 2.71 -23.80 -4.59
N LEU B 48 2.61 -22.71 -3.85
CA LEU B 48 2.17 -22.76 -2.46
C LEU B 48 0.76 -23.36 -2.34
N PRO B 49 0.46 -24.02 -1.20
CA PRO B 49 -0.86 -24.50 -0.81
C PRO B 49 -1.91 -23.40 -0.78
N SER B 50 -1.47 -22.16 -0.57
CA SER B 50 -2.43 -21.07 -0.40
C SER B 50 -1.75 -19.79 -0.79
N ARG B 51 -2.52 -18.77 -1.17
CA ARG B 51 -1.94 -17.47 -1.44
C ARG B 51 -1.17 -16.99 -0.21
N ARG B 52 0.08 -16.51 -0.42
CA ARG B 52 0.87 -16.10 0.74
C ARG B 52 1.88 -15.01 0.40
N CYS B 53 1.71 -13.85 1.03
CA CYS B 53 2.69 -12.78 1.00
C CYS B 53 2.94 -12.36 2.41
N ARG B 54 4.03 -11.61 2.61
CA ARG B 54 4.32 -10.97 3.89
C ARG B 54 4.77 -11.99 4.95
N ALA B 55 5.28 -13.10 4.44
CA ALA B 55 5.68 -14.23 5.22
C ALA B 55 7.18 -14.12 5.58
N GLY B 56 7.59 -14.83 6.63
CA GLY B 56 9.01 -15.16 6.81
C GLY B 56 9.40 -16.38 5.99
N MET B 57 10.69 -16.53 5.72
CA MET B 57 11.12 -17.65 4.91
C MET B 57 12.53 -18.00 5.24
N VAL B 58 12.79 -19.28 5.54
CA VAL B 58 14.11 -19.76 5.89
C VAL B 58 14.33 -21.09 5.21
N TYR B 59 15.60 -21.48 5.08
CA TYR B 59 15.95 -22.85 4.72
C TYR B 59 16.47 -23.50 5.98
N MET B 60 15.94 -24.68 6.30
CA MET B 60 16.30 -25.35 7.54
C MET B 60 16.10 -26.84 7.40
N ALA B 61 17.10 -27.63 7.79
CA ALA B 61 17.03 -29.10 7.74
C ALA B 61 16.58 -29.58 6.38
N GLY B 62 17.09 -28.93 5.34
CA GLY B 62 16.77 -29.28 3.96
C GLY B 62 15.45 -28.79 3.44
N LEU B 63 14.71 -28.00 4.24
CA LEU B 63 13.37 -27.59 3.83
C LEU B 63 13.26 -26.05 3.76
N VAL B 64 12.39 -25.57 2.90
CA VAL B 64 12.08 -24.14 2.88
C VAL B 64 10.81 -23.99 3.67
N PHE B 65 10.84 -23.11 4.66
CA PHE B 65 9.68 -22.85 5.51
C PHE B 65 9.11 -21.50 5.16
N ALA B 66 7.79 -21.42 4.96
CA ALA B 66 7.14 -20.17 4.68
C ALA B 66 6.28 -19.95 5.89
N VAL B 67 6.55 -18.86 6.61
CA VAL B 67 6.08 -18.65 7.97
C VAL B 67 5.19 -17.43 8.04
N GLY B 68 3.91 -17.66 8.34
CA GLY B 68 2.99 -16.58 8.54
C GLY B 68 2.65 -15.86 7.25
N GLY B 69 2.28 -14.60 7.35
CA GLY B 69 1.93 -13.85 6.16
C GLY B 69 0.44 -13.51 6.06
N PHE B 70 0.01 -13.32 4.82
CA PHE B 70 -1.26 -12.75 4.51
C PHE B 70 -1.71 -13.44 3.25
N ASN B 71 -2.96 -13.83 3.23
CA ASN B 71 -3.43 -14.64 2.11
C ASN B 71 -4.30 -13.87 1.08
N GLY B 72 -4.33 -12.55 1.20
CA GLY B 72 -5.22 -11.70 0.40
C GLY B 72 -6.46 -11.29 1.17
N SER B 73 -6.85 -12.05 2.19
CA SER B 73 -7.97 -11.66 3.04
C SER B 73 -7.59 -11.54 4.50
N LEU B 74 -6.82 -12.50 5.00
CA LEU B 74 -6.50 -12.63 6.42
C LEU B 74 -5.01 -12.78 6.68
N ARG B 75 -4.56 -12.31 7.85
CA ARG B 75 -3.25 -12.65 8.35
C ARG B 75 -3.36 -14.08 8.90
N VAL B 76 -2.30 -14.85 8.72
CA VAL B 76 -2.32 -16.27 9.05
C VAL B 76 -1.22 -16.65 10.08
N ARG B 77 -1.50 -17.73 10.78
CA ARG B 77 -0.60 -18.37 11.71
C ARG B 77 -0.05 -19.65 11.10
N THR B 78 -0.44 -19.97 9.89
CA THR B 78 -0.02 -21.20 9.24
C THR B 78 1.42 -21.09 8.79
N VAL B 79 2.04 -22.27 8.67
CA VAL B 79 3.43 -22.42 8.32
C VAL B 79 3.47 -23.63 7.41
N ASP B 80 4.06 -23.45 6.21
CA ASP B 80 4.15 -24.53 5.24
C ASP B 80 5.62 -24.74 4.96
N SER B 81 5.99 -25.99 4.69
CA SER B 81 7.36 -26.34 4.41
C SER B 81 7.45 -27.07 3.09
N TYR B 82 8.50 -26.74 2.35
CA TYR B 82 8.75 -27.24 1.01
C TYR B 82 9.95 -28.17 1.04
N ASP B 83 9.73 -29.40 0.57
CA ASP B 83 10.79 -30.35 0.35
C ASP B 83 11.20 -30.24 -1.12
N PRO B 84 12.39 -29.68 -1.35
CA PRO B 84 12.79 -29.44 -2.74
C PRO B 84 13.07 -30.71 -3.54
N VAL B 85 13.42 -31.80 -2.90
CA VAL B 85 13.72 -33.06 -3.62
C VAL B 85 12.41 -33.75 -4.03
N LYS B 86 11.41 -33.67 -3.16
CA LYS B 86 10.07 -34.16 -3.48
C LYS B 86 9.26 -33.12 -4.32
N ASP B 87 9.60 -31.84 -4.19
CA ASP B 87 8.86 -30.74 -4.81
C ASP B 87 7.43 -30.73 -4.28
N GLN B 88 7.31 -30.71 -2.95
CA GLN B 88 5.98 -30.76 -2.33
C GLN B 88 5.94 -29.89 -1.09
N TRP B 89 4.79 -29.25 -0.88
CA TRP B 89 4.56 -28.47 0.34
C TRP B 89 3.68 -29.25 1.29
N THR B 90 3.99 -29.18 2.58
CA THR B 90 3.17 -29.76 3.63
C THR B 90 3.20 -28.82 4.84
N SER B 91 2.20 -28.88 5.68
CA SER B 91 2.17 -28.04 6.87
C SER B 91 3.08 -28.53 7.96
N VAL B 92 3.59 -27.59 8.74
CA VAL B 92 4.09 -27.87 10.07
C VAL B 92 3.17 -27.14 11.10
N ALA B 93 3.46 -27.24 12.38
CA ALA B 93 2.63 -26.63 13.41
C ALA B 93 2.32 -25.16 13.15
N ASN B 94 1.09 -24.76 13.41
CA ASN B 94 0.76 -23.34 13.47
C ASN B 94 1.52 -22.60 14.59
N MET B 95 1.87 -21.35 14.32
CA MET B 95 2.30 -20.42 15.35
C MET B 95 1.14 -20.13 16.33
N ARG B 96 1.51 -19.64 17.51
CA ARG B 96 0.54 -19.13 18.51
C ARG B 96 -0.28 -17.98 17.87
N ASP B 97 0.44 -16.99 17.33
CA ASP B 97 -0.16 -15.77 16.81
C ASP B 97 -0.15 -15.69 15.26
N ARG B 98 -1.22 -15.11 14.73
CA ARG B 98 -1.31 -14.69 13.33
C ARG B 98 -0.35 -13.52 13.18
N ARG B 99 0.44 -13.54 12.12
CA ARG B 99 1.64 -12.76 12.13
C ARG B 99 1.94 -12.50 10.70
N SER B 100 2.06 -11.22 10.31
CA SER B 100 2.41 -10.87 8.92
C SER B 100 3.41 -9.72 8.85
N THR B 101 4.20 -9.65 7.77
CA THR B 101 5.30 -8.68 7.67
C THR B 101 6.39 -8.93 8.75
N LEU B 102 6.45 -10.16 9.21
CA LEU B 102 7.48 -10.60 10.13
C LEU B 102 8.79 -10.90 9.42
N GLY B 103 9.82 -11.13 10.22
CA GLY B 103 11.07 -11.68 9.71
C GLY B 103 11.17 -13.06 10.35
N ALA B 104 11.94 -13.94 9.71
CA ALA B 104 12.26 -15.23 10.30
C ALA B 104 13.71 -15.55 10.03
N ALA B 105 14.35 -16.30 10.94
CA ALA B 105 15.76 -16.70 10.80
C ALA B 105 15.99 -17.93 11.63
N VAL B 106 16.97 -18.72 11.22
CA VAL B 106 17.35 -19.88 11.98
C VAL B 106 18.52 -19.50 12.86
N LEU B 107 18.38 -19.79 14.16
CA LEU B 107 19.49 -19.64 15.09
C LEU B 107 19.56 -20.90 15.99
N ASN B 108 20.76 -21.45 16.06
CA ASN B 108 21.03 -22.66 16.83
C ASN B 108 19.99 -23.74 16.57
N GLY B 109 19.56 -23.92 15.32
CA GLY B 109 18.69 -25.03 15.00
C GLY B 109 17.24 -24.78 15.28
N LEU B 110 16.93 -23.54 15.65
CA LEU B 110 15.56 -23.15 15.91
C LEU B 110 15.18 -22.02 14.96
N LEU B 111 13.94 -22.03 14.54
CA LEU B 111 13.44 -21.09 13.56
C LEU B 111 12.71 -20.03 14.34
N TYR B 112 13.21 -18.80 14.33
CA TYR B 112 12.56 -17.71 14.98
C TYR B 112 11.67 -16.92 14.01
N ALA B 113 10.47 -16.63 14.49
CA ALA B 113 9.49 -15.79 13.85
C ALA B 113 9.33 -14.52 14.67
N VAL B 114 9.72 -13.41 14.05
CA VAL B 114 9.95 -12.15 14.74
C VAL B 114 9.01 -11.05 14.30
N GLY B 115 8.27 -10.51 15.25
CA GLY B 115 7.49 -9.31 15.02
C GLY B 115 6.31 -9.50 14.08
N GLY B 116 6.01 -8.45 13.35
CA GLY B 116 4.94 -8.43 12.42
C GLY B 116 3.77 -7.59 12.83
N PHE B 117 2.65 -7.94 12.20
CA PHE B 117 1.42 -7.19 12.28
C PHE B 117 0.29 -8.23 12.21
N ASP B 118 -0.83 -8.00 12.87
CA ASP B 118 -1.89 -8.98 12.75
C ASP B 118 -3.19 -8.42 12.29
N GLY B 119 -3.16 -7.21 11.74
CA GLY B 119 -4.36 -6.59 11.21
C GLY B 119 -4.89 -5.62 12.23
N SER B 120 -4.41 -5.70 13.47
CA SER B 120 -4.92 -4.87 14.58
C SER B 120 -3.79 -4.08 15.24
N THR B 121 -2.71 -4.75 15.55
CA THR B 121 -1.55 -4.07 16.18
C THR B 121 -0.27 -4.63 15.56
N GLY B 122 0.80 -3.85 15.67
CA GLY B 122 2.12 -4.39 15.40
C GLY B 122 2.55 -5.29 16.54
N LEU B 123 3.61 -6.05 16.35
CA LEU B 123 3.97 -7.08 17.30
C LEU B 123 5.41 -7.01 17.71
N SER B 124 5.66 -7.14 19.02
CA SER B 124 7.01 -7.31 19.55
C SER B 124 7.29 -8.73 19.92
N SER B 125 6.26 -9.56 19.84
CA SER B 125 6.34 -10.96 20.25
C SER B 125 7.18 -11.76 19.27
N VAL B 126 7.83 -12.76 19.81
CA VAL B 126 8.71 -13.64 19.05
C VAL B 126 8.40 -15.11 19.42
N GLU B 127 8.49 -16.01 18.44
CA GLU B 127 8.22 -17.45 18.63
C GLU B 127 9.30 -18.25 17.99
N ALA B 128 9.65 -19.40 18.57
CA ALA B 128 10.74 -20.24 18.10
C ALA B 128 10.17 -21.62 17.82
N TYR B 129 10.45 -22.13 16.62
CA TYR B 129 10.00 -23.44 16.19
C TYR B 129 11.11 -24.48 16.35
N ASN B 130 10.75 -25.60 16.98
CA ASN B 130 11.62 -26.74 17.17
C ASN B 130 11.08 -27.84 16.25
N ILE B 131 11.86 -28.08 15.19
CA ILE B 131 11.52 -29.04 14.15
C ILE B 131 11.50 -30.48 14.67
N LYS B 132 12.22 -30.76 15.75
CA LYS B 132 12.23 -32.11 16.27
C LYS B 132 10.83 -32.45 16.85
N SER B 133 10.29 -31.53 17.65
CA SER B 133 9.03 -31.72 18.33
C SER B 133 7.85 -31.13 17.57
N ASN B 134 8.11 -30.43 16.47
CA ASN B 134 7.06 -29.76 15.70
C ASN B 134 6.21 -28.87 16.60
N GLU B 135 6.89 -28.01 17.36
CA GLU B 135 6.23 -27.11 18.29
C GLU B 135 6.83 -25.73 18.25
N TRP B 136 5.96 -24.74 18.36
CA TRP B 136 6.39 -23.38 18.59
C TRP B 136 6.33 -23.09 20.07
N PHE B 137 7.26 -22.28 20.53
CA PHE B 137 7.17 -21.74 21.87
C PHE B 137 7.54 -20.27 21.98
N HIS B 138 7.07 -19.66 23.05
CA HIS B 138 7.24 -18.25 23.31
C HIS B 138 8.70 -17.90 23.55
N VAL B 139 9.15 -16.81 22.97
CA VAL B 139 10.51 -16.29 23.18
C VAL B 139 10.39 -14.89 23.78
N ALA B 140 11.44 -14.36 24.40
CA ALA B 140 11.36 -13.00 24.92
C ALA B 140 10.93 -12.03 23.79
N PRO B 141 10.07 -11.07 24.12
CA PRO B 141 9.68 -10.05 23.15
C PRO B 141 10.76 -8.99 22.93
N MET B 142 10.76 -8.39 21.74
CA MET B 142 11.57 -7.21 21.45
C MET B 142 11.12 -6.00 22.27
N ASN B 143 12.03 -5.03 22.38
CA ASN B 143 11.73 -3.76 23.00
C ASN B 143 10.65 -3.00 22.24
N THR B 144 10.76 -2.98 20.91
CA THR B 144 9.81 -2.25 20.04
C THR B 144 8.96 -3.20 19.27
N ARG B 145 7.67 -2.88 19.14
CA ARG B 145 6.81 -3.61 18.20
C ARG B 145 7.15 -3.20 16.77
N ARG B 146 7.58 -4.18 15.97
CA ARG B 146 8.08 -3.93 14.62
C ARG B 146 7.34 -4.70 13.55
N SER B 147 6.59 -3.98 12.73
CA SER B 147 6.03 -4.59 11.49
C SER B 147 6.99 -4.31 10.34
N SER B 148 6.88 -5.11 9.28
CA SER B 148 7.77 -5.02 8.12
C SER B 148 9.22 -4.98 8.53
N VAL B 149 9.57 -5.87 9.44
CA VAL B 149 10.90 -6.02 9.99
C VAL B 149 11.69 -7.02 9.17
N GLY B 150 12.99 -6.83 9.08
CA GLY B 150 13.93 -7.76 8.48
C GLY B 150 14.85 -8.30 9.59
N VAL B 151 15.25 -9.54 9.45
CA VAL B 151 15.98 -10.26 10.46
C VAL B 151 17.19 -10.95 9.81
N GLY B 152 18.28 -11.11 10.56
CA GLY B 152 19.41 -11.93 10.13
C GLY B 152 20.19 -12.37 11.34
N VAL B 153 20.99 -13.41 11.18
CA VAL B 153 21.78 -14.00 12.25
C VAL B 153 23.24 -13.78 11.89
N VAL B 154 24.02 -13.19 12.78
CA VAL B 154 25.48 -13.15 12.60
C VAL B 154 26.08 -13.66 13.90
N GLY B 155 27.02 -14.61 13.78
CA GLY B 155 27.78 -15.11 14.91
C GLY B 155 27.03 -15.38 16.22
N GLY B 156 25.98 -16.16 16.15
CA GLY B 156 25.28 -16.52 17.35
C GLY B 156 24.22 -15.53 17.83
N LEU B 157 24.02 -14.42 17.15
CA LEU B 157 23.00 -13.45 17.59
C LEU B 157 22.04 -13.14 16.47
N LEU B 158 20.79 -12.88 16.85
CA LEU B 158 19.73 -12.61 15.89
C LEU B 158 19.36 -11.12 15.92
N TYR B 159 19.33 -10.51 14.73
CA TYR B 159 19.14 -9.06 14.63
C TYR B 159 17.79 -8.76 14.05
N ALA B 160 17.07 -7.80 14.65
CA ALA B 160 15.81 -7.32 14.14
C ALA B 160 16.07 -5.87 13.72
N VAL B 161 15.91 -5.63 12.41
CA VAL B 161 16.31 -4.41 11.77
C VAL B 161 15.14 -3.57 11.25
N GLY B 162 15.04 -2.36 11.82
CA GLY B 162 14.07 -1.39 11.41
C GLY B 162 12.63 -1.82 11.54
N GLY B 163 11.85 -1.47 10.52
CA GLY B 163 10.42 -1.78 10.53
C GLY B 163 9.54 -0.58 10.69
N TYR B 164 8.28 -0.83 11.00
CA TYR B 164 7.30 0.21 11.22
C TYR B 164 6.68 0.01 12.61
N ASP B 165 6.64 1.12 13.35
CA ASP B 165 6.01 1.22 14.64
C ASP B 165 4.56 1.72 14.42
N VAL B 166 3.62 0.78 14.46
CA VAL B 166 2.21 1.07 14.25
C VAL B 166 1.67 2.15 15.18
N ALA B 167 1.93 2.04 16.49
CA ALA B 167 1.43 3.02 17.46
C ALA B 167 1.92 4.46 17.17
N SER B 168 3.22 4.61 16.89
CA SER B 168 3.82 5.93 16.61
C SER B 168 3.59 6.38 15.14
N ARG B 169 3.07 5.49 14.31
CA ARG B 169 2.93 5.72 12.87
C ARG B 169 4.26 6.22 12.30
N GLN B 170 5.32 5.46 12.53
CA GLN B 170 6.56 5.85 11.90
C GLN B 170 7.46 4.69 11.62
N CYS B 171 8.30 4.88 10.60
CA CYS B 171 9.33 3.93 10.22
C CYS B 171 10.44 4.05 11.23
N LEU B 172 11.21 2.97 11.42
CA LEU B 172 12.21 2.93 12.49
C LEU B 172 13.60 2.83 11.96
N SER B 173 14.51 3.48 12.67
CA SER B 173 15.93 3.37 12.43
C SER B 173 16.61 2.45 13.44
N THR B 174 15.88 2.05 14.48
CA THR B 174 16.49 1.28 15.56
C THR B 174 16.64 -0.21 15.18
N VAL B 175 17.58 -0.88 15.85
CA VAL B 175 17.86 -2.27 15.58
C VAL B 175 18.11 -2.93 16.90
N GLU B 176 17.74 -4.20 17.00
CA GLU B 176 17.82 -4.93 18.23
C GLU B 176 18.43 -6.27 18.00
N CYS B 177 18.98 -6.84 19.05
CA CYS B 177 19.72 -8.06 18.95
C CYS B 177 19.32 -8.99 20.08
N TYR B 178 19.05 -10.25 19.69
CA TYR B 178 18.63 -11.29 20.58
C TYR B 178 19.78 -12.27 20.84
N ASN B 179 20.01 -12.49 22.13
CA ASN B 179 20.91 -13.52 22.66
C ASN B 179 20.11 -14.71 23.26
N ALA B 180 20.34 -15.91 22.72
CA ALA B 180 19.49 -17.06 23.07
C ALA B 180 19.89 -17.68 24.43
N THR B 181 21.11 -17.43 24.89
CA THR B 181 21.54 -17.85 26.25
C THR B 181 20.81 -17.05 27.35
N THR B 182 20.68 -15.75 27.14
CA THR B 182 20.06 -14.87 28.14
C THR B 182 18.59 -14.60 27.88
N ASN B 183 18.14 -14.93 26.66
CA ASN B 183 16.76 -14.79 26.18
C ASN B 183 16.30 -13.34 26.40
N GLU B 184 17.06 -12.42 25.81
CA GLU B 184 16.73 -11.01 25.86
C GLU B 184 17.16 -10.24 24.63
N TRP B 185 16.36 -9.23 24.33
CA TRP B 185 16.60 -8.36 23.20
C TRP B 185 17.19 -7.05 23.70
N THR B 186 18.27 -6.61 23.07
CA THR B 186 18.91 -5.37 23.45
C THR B 186 19.15 -4.49 22.22
N TYR B 187 19.02 -3.18 22.36
CA TYR B 187 19.17 -2.33 21.20
C TYR B 187 20.65 -2.28 20.89
N ILE B 188 20.99 -2.16 19.63
CA ILE B 188 22.39 -1.97 19.23
C ILE B 188 22.48 -0.63 18.47
N ALA B 189 23.61 -0.34 17.80
CA ALA B 189 23.71 0.93 17.01
C ALA B 189 22.48 1.07 16.09
N GLU B 190 21.85 2.27 16.02
CA GLU B 190 20.76 2.50 15.07
C GLU B 190 21.35 2.69 13.69
N MET B 191 20.52 2.40 12.69
CA MET B 191 20.87 2.71 11.32
C MET B 191 20.97 4.23 11.12
N SER B 192 21.66 4.63 10.05
CA SER B 192 21.73 6.02 9.62
C SER B 192 20.39 6.66 9.31
N THR B 193 19.39 5.82 9.04
CA THR B 193 18.13 6.30 8.56
C THR B 193 17.02 5.30 8.86
N ARG B 194 15.78 5.78 8.82
CA ARG B 194 14.64 4.94 9.05
C ARG B 194 14.33 4.09 7.81
N ARG B 195 14.19 2.80 8.05
CA ARG B 195 13.81 1.89 7.01
C ARG B 195 12.76 0.93 7.52
N SER B 196 11.53 1.10 7.07
CA SER B 196 10.55 0.02 7.13
C SER B 196 10.69 -0.80 5.84
N GLY B 197 10.51 -2.11 5.92
CA GLY B 197 10.62 -2.97 4.74
C GLY B 197 12.01 -3.11 4.16
N ALA B 198 13.04 -3.01 5.00
CA ALA B 198 14.42 -3.19 4.56
C ALA B 198 14.66 -4.66 4.27
N GLY B 199 15.33 -4.96 3.15
CA GLY B 199 15.81 -6.28 2.94
C GLY B 199 17.01 -6.47 3.84
N VAL B 200 17.04 -7.58 4.54
CA VAL B 200 18.12 -7.90 5.48
C VAL B 200 18.72 -9.22 5.09
N GLY B 201 20.02 -9.22 4.95
CA GLY B 201 20.78 -10.41 4.66
C GLY B 201 22.15 -10.36 5.30
N VAL B 202 22.82 -11.50 5.33
CA VAL B 202 24.14 -11.60 5.93
C VAL B 202 25.12 -12.16 4.92
N LEU B 203 26.29 -11.57 4.86
CA LEU B 203 27.32 -11.98 3.93
C LEU B 203 28.65 -11.65 4.59
N ASN B 204 29.46 -12.70 4.74
CA ASN B 204 30.78 -12.61 5.39
C ASN B 204 30.69 -11.93 6.75
N ASN B 205 29.74 -12.38 7.54
CA ASN B 205 29.57 -11.88 8.92
C ASN B 205 29.28 -10.40 9.02
N LEU B 206 28.71 -9.83 7.95
CA LEU B 206 28.18 -8.49 8.01
C LEU B 206 26.69 -8.55 7.69
N LEU B 207 25.93 -7.73 8.42
CA LEU B 207 24.48 -7.65 8.30
C LEU B 207 24.13 -6.45 7.41
N TYR B 208 23.51 -6.73 6.27
CA TYR B 208 23.13 -5.71 5.29
C TYR B 208 21.67 -5.35 5.47
N ALA B 209 21.37 -4.06 5.46
CA ALA B 209 20.01 -3.55 5.34
C ALA B 209 19.86 -2.80 4.01
N VAL B 210 19.08 -3.35 3.09
CA VAL B 210 18.95 -2.76 1.75
C VAL B 210 17.56 -2.08 1.55
N GLY B 211 17.59 -0.84 1.10
CA GLY B 211 16.36 -0.15 0.66
C GLY B 211 15.42 0.04 1.82
N GLY B 212 14.16 -0.32 1.62
CA GLY B 212 13.11 -0.04 2.58
C GLY B 212 12.53 1.31 2.29
N HIS B 213 11.79 1.88 3.25
CA HIS B 213 11.17 3.15 3.05
C HIS B 213 10.91 3.88 4.35
N ASP B 214 10.70 5.18 4.21
CA ASP B 214 10.23 6.06 5.29
C ASP B 214 9.15 6.91 4.62
N GLY B 215 7.90 6.53 4.80
CA GLY B 215 6.82 7.08 3.98
C GLY B 215 6.83 6.53 2.58
N PRO B 216 6.24 7.26 1.62
CA PRO B 216 5.89 6.74 0.29
C PRO B 216 7.06 6.57 -0.67
N LEU B 217 8.10 7.35 -0.40
CA LEU B 217 9.36 7.26 -1.12
C LEU B 217 10.22 6.08 -0.67
N VAL B 218 10.68 5.34 -1.65
CA VAL B 218 11.31 4.09 -1.46
C VAL B 218 12.83 4.35 -1.63
N ARG B 219 13.64 3.76 -0.78
CA ARG B 219 15.07 3.97 -0.82
C ARG B 219 15.80 2.99 -1.75
N LYS B 220 16.93 3.43 -2.28
CA LYS B 220 17.88 2.57 -3.01
C LYS B 220 19.17 2.44 -2.22
N SER B 221 19.27 3.17 -1.11
CA SER B 221 20.43 3.15 -0.27
C SER B 221 20.54 1.85 0.50
N VAL B 222 21.78 1.54 0.87
CA VAL B 222 22.14 0.31 1.53
C VAL B 222 23.15 0.60 2.63
N GLU B 223 22.94 0.00 3.79
CA GLU B 223 23.94 0.14 4.83
C GLU B 223 24.25 -1.20 5.44
N VAL B 224 25.43 -1.29 6.02
CA VAL B 224 25.97 -2.55 6.46
C VAL B 224 26.46 -2.39 7.88
N TYR B 225 26.15 -3.40 8.69
CA TYR B 225 26.52 -3.42 10.11
C TYR B 225 27.60 -4.42 10.41
N ASP B 226 28.61 -3.98 11.19
CA ASP B 226 29.69 -4.84 11.66
C ASP B 226 29.54 -5.05 13.16
N PRO B 227 29.22 -6.29 13.58
CA PRO B 227 29.03 -6.54 15.00
C PRO B 227 30.32 -6.43 15.82
N THR B 228 31.47 -6.57 15.16
CA THR B 228 32.75 -6.36 15.84
C THR B 228 32.98 -4.87 16.17
N THR B 229 32.39 -3.96 15.41
CA THR B 229 32.58 -2.54 15.68
C THR B 229 31.32 -1.93 16.28
N ASN B 230 30.22 -2.69 16.28
CA ASN B 230 28.89 -2.17 16.56
C ASN B 230 28.60 -0.88 15.77
N ALA B 231 28.82 -0.89 14.47
CA ALA B 231 28.66 0.33 13.67
C ALA B 231 28.16 0.04 12.28
N TRP B 232 27.40 1.00 11.77
CA TRP B 232 26.82 0.93 10.44
C TRP B 232 27.60 1.87 9.54
N ARG B 233 27.77 1.48 8.29
CA ARG B 233 28.27 2.39 7.29
C ARG B 233 27.56 2.16 5.98
N GLN B 234 27.56 3.20 5.16
CA GLN B 234 26.92 3.19 3.85
C GLN B 234 27.76 2.38 2.85
N VAL B 235 27.06 1.72 1.91
CA VAL B 235 27.74 1.11 0.76
C VAL B 235 27.05 1.69 -0.49
N ALA B 236 27.45 1.21 -1.66
CA ALA B 236 26.86 1.68 -2.93
C ALA B 236 25.32 1.54 -2.88
N ASP B 237 24.61 2.56 -3.39
CA ASP B 237 23.16 2.45 -3.64
C ASP B 237 22.85 1.33 -4.64
N MET B 238 21.71 0.69 -4.48
CA MET B 238 21.24 -0.28 -5.43
C MET B 238 20.89 0.41 -6.76
N ASN B 239 20.79 -0.36 -7.83
CA ASN B 239 20.23 0.17 -9.10
C ASN B 239 18.78 0.64 -9.03
N MET B 240 17.92 -0.13 -8.34
CA MET B 240 16.52 0.22 -8.14
C MET B 240 16.25 0.53 -6.65
N CYS B 241 15.32 1.44 -6.46
CA CYS B 241 14.68 1.60 -5.19
C CYS B 241 13.87 0.38 -4.89
N ARG B 242 14.03 -0.20 -3.70
CA ARG B 242 13.27 -1.44 -3.39
C ARG B 242 12.85 -1.52 -1.93
N ARG B 243 11.55 -1.57 -1.70
CA ARG B 243 11.01 -1.92 -0.35
C ARG B 243 10.42 -3.31 -0.41
N ASN B 244 10.57 -4.04 0.69
CA ASN B 244 10.04 -5.36 0.84
C ASN B 244 10.60 -6.32 -0.23
N ALA B 245 11.90 -6.16 -0.55
CA ALA B 245 12.63 -7.14 -1.38
C ALA B 245 13.10 -8.30 -0.52
N GLY B 246 13.23 -9.49 -1.12
CA GLY B 246 13.87 -10.58 -0.37
C GLY B 246 15.36 -10.52 -0.61
N VAL B 247 16.13 -11.02 0.35
CA VAL B 247 17.59 -11.06 0.24
C VAL B 247 18.17 -12.42 0.53
N CYS B 248 19.22 -12.80 -0.17
CA CYS B 248 20.00 -13.99 0.22
C CYS B 248 21.43 -13.83 -0.22
N ALA B 249 22.31 -14.65 0.34
CA ALA B 249 23.74 -14.61 0.03
C ALA B 249 24.10 -15.91 -0.72
N VAL B 250 24.74 -15.76 -1.88
CA VAL B 250 25.18 -16.90 -2.66
C VAL B 250 26.54 -16.60 -3.23
N ASN B 251 27.51 -17.44 -2.87
CA ASN B 251 28.84 -17.44 -3.48
C ASN B 251 29.46 -16.04 -3.50
N GLY B 252 29.44 -15.39 -2.34
CA GLY B 252 30.17 -14.17 -2.16
C GLY B 252 29.39 -12.94 -2.59
N LEU B 253 28.13 -13.12 -3.04
CA LEU B 253 27.32 -11.99 -3.48
C LEU B 253 25.98 -11.93 -2.75
N LEU B 254 25.50 -10.71 -2.56
CA LEU B 254 24.23 -10.49 -1.89
C LEU B 254 23.19 -10.24 -3.00
N TYR B 255 22.28 -11.16 -3.17
CA TYR B 255 21.19 -11.02 -4.13
C TYR B 255 19.93 -10.37 -3.51
N VAL B 256 19.35 -9.41 -4.21
CA VAL B 256 18.15 -8.71 -3.77
C VAL B 256 17.11 -8.91 -4.86
N VAL B 257 15.97 -9.45 -4.45
CA VAL B 257 14.97 -9.97 -5.36
C VAL B 257 13.69 -9.18 -5.21
N GLY B 258 13.19 -8.65 -6.31
CA GLY B 258 11.90 -8.00 -6.29
C GLY B 258 11.84 -6.78 -5.38
N GLY B 259 10.70 -6.60 -4.72
CA GLY B 259 10.48 -5.44 -3.94
C GLY B 259 9.59 -4.52 -4.72
N ASP B 260 9.23 -3.41 -4.12
CA ASP B 260 8.31 -2.44 -4.69
C ASP B 260 9.21 -1.19 -4.85
N ASP B 261 9.08 -0.48 -5.96
CA ASP B 261 9.97 0.67 -6.18
C ASP B 261 9.24 1.97 -5.94
N GLY B 262 8.02 1.90 -5.35
CA GLY B 262 7.14 3.08 -5.19
C GLY B 262 6.10 3.20 -6.30
N SER B 263 6.22 2.38 -7.34
CA SER B 263 5.26 2.34 -8.43
C SER B 263 4.73 0.92 -8.62
N CYS B 264 5.67 0.00 -8.84
CA CYS B 264 5.41 -1.38 -9.20
C CYS B 264 6.16 -2.35 -8.30
N ASN B 265 5.58 -3.54 -8.19
CA ASN B 265 6.27 -4.70 -7.69
C ASN B 265 7.24 -5.17 -8.75
N LEU B 266 8.52 -5.25 -8.38
CA LEU B 266 9.55 -5.53 -9.38
C LEU B 266 9.80 -7.02 -9.62
N ALA B 267 10.19 -7.31 -10.87
CA ALA B 267 10.49 -8.68 -11.32
C ALA B 267 12.00 -8.91 -11.48
N SER B 268 12.77 -7.84 -11.34
CA SER B 268 14.21 -7.87 -11.41
C SER B 268 14.88 -8.28 -10.08
N VAL B 269 16.13 -8.69 -10.22
CA VAL B 269 16.97 -9.12 -9.15
C VAL B 269 18.29 -8.40 -9.40
N GLU B 270 18.98 -8.03 -8.34
CA GLU B 270 20.30 -7.48 -8.51
C GLU B 270 21.13 -7.94 -7.34
N TYR B 271 22.43 -7.97 -7.53
CA TYR B 271 23.35 -8.53 -6.59
C TYR B 271 24.53 -7.57 -6.39
N TYR B 272 25.03 -7.61 -5.15
CA TYR B 272 26.02 -6.73 -4.62
C TYR B 272 27.30 -7.53 -4.40
N ASN B 273 28.41 -6.99 -4.89
CA ASN B 273 29.74 -7.57 -4.69
C ASN B 273 30.51 -6.66 -3.72
N PRO B 274 30.61 -7.06 -2.43
CA PRO B 274 31.26 -6.17 -1.48
C PRO B 274 32.69 -5.83 -1.82
N THR B 275 33.39 -6.65 -2.60
CA THR B 275 34.82 -6.38 -2.91
C THR B 275 35.00 -5.26 -3.94
N THR B 276 33.98 -5.02 -4.78
CA THR B 276 34.02 -3.94 -5.76
C THR B 276 33.04 -2.81 -5.38
N ASP B 277 32.19 -3.05 -4.39
CA ASP B 277 31.14 -2.11 -3.98
C ASP B 277 30.24 -1.72 -5.17
N LYS B 278 29.88 -2.76 -5.95
CA LYS B 278 29.03 -2.62 -7.14
C LYS B 278 27.80 -3.52 -7.13
N TRP B 279 26.71 -2.96 -7.62
CA TRP B 279 25.42 -3.64 -7.76
C TRP B 279 25.19 -3.93 -9.24
N THR B 280 24.90 -5.18 -9.59
CA THR B 280 24.64 -5.55 -10.96
C THR B 280 23.23 -6.15 -11.04
N VAL B 281 22.48 -5.65 -12.01
CA VAL B 281 21.16 -6.19 -12.33
C VAL B 281 21.30 -7.45 -13.17
N VAL B 282 20.62 -8.51 -12.74
CA VAL B 282 20.49 -9.77 -13.47
C VAL B 282 19.57 -9.53 -14.67
N SER B 283 19.99 -9.95 -15.86
CA SER B 283 19.26 -9.59 -17.08
C SER B 283 17.94 -10.34 -17.19
N SER B 284 17.86 -11.55 -16.62
CA SER B 284 16.64 -12.34 -16.72
C SER B 284 15.77 -12.06 -15.49
N CYS B 285 14.58 -11.58 -15.74
CA CYS B 285 13.68 -11.21 -14.69
C CYS B 285 12.77 -12.40 -14.34
N MET B 286 12.12 -12.33 -13.18
CA MET B 286 11.18 -13.36 -12.78
C MET B 286 9.94 -13.34 -13.65
N SER B 287 9.13 -14.40 -13.58
CA SER B 287 7.89 -14.52 -14.37
C SER B 287 6.86 -13.47 -13.92
N THR B 288 6.96 -13.00 -12.69
CA THR B 288 6.04 -12.00 -12.16
C THR B 288 6.80 -11.06 -11.23
N GLY B 289 6.45 -9.79 -11.26
CA GLY B 289 6.87 -8.89 -10.22
C GLY B 289 6.38 -9.38 -8.86
N ARG B 290 7.19 -9.16 -7.84
CA ARG B 290 6.92 -9.63 -6.52
C ARG B 290 7.47 -8.71 -5.46
N SER B 291 6.66 -8.21 -4.54
CA SER B 291 7.21 -7.73 -3.28
C SER B 291 6.71 -8.58 -2.11
N TYR B 292 7.36 -8.44 -0.95
CA TYR B 292 7.01 -9.27 0.20
C TYR B 292 6.95 -10.79 -0.15
N ALA B 293 7.89 -11.23 -0.99
CA ALA B 293 8.09 -12.64 -1.33
C ALA B 293 9.14 -13.22 -0.40
N GLY B 294 9.10 -14.51 -0.17
CA GLY B 294 10.13 -15.15 0.59
C GLY B 294 11.25 -15.51 -0.37
N VAL B 295 12.48 -15.33 0.07
CA VAL B 295 13.64 -15.70 -0.74
C VAL B 295 14.58 -16.50 0.14
N THR B 296 15.05 -17.62 -0.42
CA THR B 296 16.10 -18.37 0.21
C THR B 296 16.89 -19.16 -0.83
N VAL B 297 17.93 -19.83 -0.36
CA VAL B 297 18.83 -20.56 -1.24
C VAL B 297 18.85 -22.02 -0.77
N ILE B 298 18.74 -22.93 -1.73
CA ILE B 298 18.77 -24.36 -1.48
C ILE B 298 19.86 -24.99 -2.34
N ASP B 299 20.24 -26.21 -1.97
CA ASP B 299 21.21 -26.96 -2.78
C ASP B 299 20.50 -27.60 -3.98
N LYS B 300 21.15 -27.56 -5.13
CA LYS B 300 20.64 -28.17 -6.37
C LYS B 300 21.22 -29.57 -6.50
#